data_4JI9
#
_entry.id   4JI9
#
_cell.length_a   111.992
_cell.length_b   111.992
_cell.length_c   70.467
_cell.angle_alpha   90.00
_cell.angle_beta   90.00
_cell.angle_gamma   90.00
#
_symmetry.space_group_name_H-M   'P 41'
#
loop_
_entity.id
_entity.type
_entity.pdbx_description
1 polymer 'Tyrosine-protein kinase JAK2'
2 non-polymer N-tert-butyl-3-[(5-methyl-2-{[4-(4-methylpiperazin-1-yl)phenyl]amino}pyrimidin-4-yl)amino]benzenesulfonamide
3 water water
#
_entity_poly.entity_id   1
_entity_poly.type   'polypeptide(L)'
_entity_poly.pdbx_seq_one_letter_code
;SGAFEDRDPTQFEERHLKFLQQLGKGNFGSVEMCRYDPLQDNTGEVVAVKKLQHSTEEHLRDFEREIEILKSLQHDNIVK
YKGVCYSAGRRNLKLIMEYLPYGSLRDYLQKHKERIDHIKLLQYTSQICKGMEYLGTKRYIHRDLATRNILVENENRVKI
GDFGLTKVLPQDKE(PTR)(PTR)KVKEPGESPIFWYAPESLTESKFSVASDVWSFGVVLYELFTYIEKSKSPPAEFMRM
IGNDKQGQMIVFHLIELLKNNGRLPRPDGCPDEIYMIMTECWNNNVNQRPSFRDLALRVDQIRDNMAG
;
_entity_poly.pdbx_strand_id   A,B
#
loop_
_chem_comp.id
_chem_comp.type
_chem_comp.name
_chem_comp.formula
1M3 non-polymer N-tert-butyl-3-[(5-methyl-2-{[4-(4-methylpiperazin-1-yl)phenyl]amino}pyrimidin-4-yl)amino]benzenesulfonamide 'C26 H35 N7 O2 S'
#
# COMPACT_ATOMS: atom_id res chain seq x y z
N GLN A 11 16.41 -29.88 -2.62
CA GLN A 11 17.24 -29.23 -1.57
C GLN A 11 18.73 -29.31 -1.90
N PHE A 12 19.56 -28.91 -0.93
CA PHE A 12 21.00 -28.90 -1.09
C PHE A 12 21.65 -29.76 0.00
N GLU A 13 22.59 -30.61 -0.41
CA GLU A 13 23.37 -31.45 0.51
C GLU A 13 24.55 -30.66 1.05
N GLU A 14 24.69 -30.64 2.37
CA GLU A 14 25.84 -30.01 3.05
C GLU A 14 27.18 -30.45 2.48
N ARG A 15 27.33 -31.75 2.25
CA ARG A 15 28.61 -32.34 1.82
C ARG A 15 29.11 -31.89 0.45
N HIS A 16 28.19 -31.37 -0.37
CA HIS A 16 28.53 -30.97 -1.75
C HIS A 16 28.78 -29.49 -1.90
N LEU A 17 28.63 -28.77 -0.80
CA LEU A 17 28.85 -27.34 -0.76
C LEU A 17 30.31 -27.07 -0.44
N LYS A 18 31.07 -26.65 -1.45
CA LYS A 18 32.50 -26.38 -1.29
C LYS A 18 32.76 -24.90 -1.06
N PHE A 19 33.43 -24.59 0.05
CA PHE A 19 33.76 -23.21 0.42
C PHE A 19 34.78 -22.59 -0.53
N LEU A 20 34.51 -21.36 -0.99
CA LEU A 20 35.43 -20.63 -1.85
C LEU A 20 35.99 -19.41 -1.14
N GLN A 21 35.10 -18.55 -0.64
CA GLN A 21 35.51 -17.41 0.16
C GLN A 21 34.38 -16.86 1.02
N GLN A 22 34.77 -16.11 2.05
CA GLN A 22 33.85 -15.33 2.86
C GLN A 22 33.55 -14.06 2.07
N LEU A 23 32.28 -13.69 1.98
CA LEU A 23 31.88 -12.49 1.26
C LEU A 23 31.64 -11.32 2.21
N GLY A 24 31.02 -11.63 3.35
CA GLY A 24 30.68 -10.63 4.34
C GLY A 24 30.36 -11.24 5.69
N LYS A 25 30.55 -10.44 6.73
CA LYS A 25 30.35 -10.84 8.11
C LYS A 25 29.66 -9.67 8.78
N GLY A 26 28.58 -9.92 9.50
CA GLY A 26 27.83 -8.83 10.11
C GLY A 26 26.55 -9.28 10.77
N ASN A 27 26.10 -8.48 11.75
CA ASN A 27 25.05 -8.89 12.69
C ASN A 27 25.53 -10.13 13.43
N PHE A 28 24.81 -11.21 13.20
CA PHE A 28 25.06 -12.51 13.80
C PHE A 28 24.97 -13.55 12.68
N GLY A 29 25.52 -13.19 11.53
CA GLY A 29 25.56 -14.05 10.36
C GLY A 29 26.72 -13.77 9.42
N SER A 30 26.92 -14.66 8.46
CA SER A 30 27.91 -14.48 7.42
C SER A 30 27.38 -14.99 6.08
N VAL A 31 27.97 -14.51 5.00
CA VAL A 31 27.65 -14.97 3.66
C VAL A 31 28.93 -15.45 2.99
N GLU A 32 28.84 -16.61 2.34
CA GLU A 32 30.01 -17.25 1.74
C GLU A 32 29.81 -17.53 0.26
N MET A 33 30.88 -17.39 -0.50
CA MET A 33 30.91 -17.87 -1.86
C MET A 33 31.25 -19.35 -1.79
N CYS A 34 30.32 -20.20 -2.25
CA CYS A 34 30.53 -21.63 -2.34
C CYS A 34 30.20 -22.17 -3.73
N ARG A 35 30.71 -23.36 -4.04
CA ARG A 35 30.34 -24.08 -5.25
C ARG A 35 29.55 -25.34 -4.91
N TYR A 36 28.32 -25.42 -5.38
CA TYR A 36 27.52 -26.61 -5.14
C TYR A 36 27.84 -27.63 -6.22
N ASP A 37 28.62 -28.64 -5.85
CA ASP A 37 29.18 -29.59 -6.81
C ASP A 37 28.78 -31.04 -6.49
N PRO A 38 27.47 -31.38 -6.62
CA PRO A 38 26.98 -32.69 -6.20
C PRO A 38 27.46 -33.85 -7.08
N LEU A 39 28.14 -33.54 -8.18
CA LEU A 39 28.71 -34.57 -9.05
C LEU A 39 30.23 -34.66 -8.89
N GLN A 40 30.76 -33.81 -8.01
CA GLN A 40 32.20 -33.77 -7.68
C GLN A 40 33.14 -33.70 -8.90
N ASP A 41 32.58 -33.28 -10.04
CA ASP A 41 33.34 -33.16 -11.29
C ASP A 41 33.64 -31.71 -11.63
N ASN A 42 33.56 -30.85 -10.61
CA ASN A 42 33.80 -29.41 -10.74
C ASN A 42 32.99 -28.78 -11.88
N THR A 43 31.69 -29.09 -11.95
CA THR A 43 30.76 -28.49 -12.92
C THR A 43 29.56 -27.83 -12.25
N GLY A 44 29.55 -27.83 -10.92
CA GLY A 44 28.46 -27.22 -10.18
C GLY A 44 28.53 -25.71 -10.20
N GLU A 45 27.40 -25.08 -9.92
CA GLU A 45 27.31 -23.63 -9.95
C GLU A 45 27.78 -23.00 -8.63
N VAL A 46 28.32 -21.78 -8.73
CA VAL A 46 28.67 -20.98 -7.58
C VAL A 46 27.41 -20.30 -7.04
N VAL A 47 27.25 -20.39 -5.72
CA VAL A 47 26.07 -19.85 -5.03
C VAL A 47 26.52 -19.07 -3.80
N ALA A 48 25.64 -18.21 -3.29
CA ALA A 48 25.93 -17.47 -2.08
C ALA A 48 25.26 -18.22 -0.93
N VAL A 49 26.00 -18.41 0.17
CA VAL A 49 25.47 -19.17 1.31
C VAL A 49 25.49 -18.33 2.57
N LYS A 50 24.33 -18.19 3.19
CA LYS A 50 24.21 -17.41 4.43
C LYS A 50 23.98 -18.33 5.63
N LYS A 51 24.76 -18.12 6.67
CA LYS A 51 24.63 -18.90 7.89
C LYS A 51 24.69 -17.96 9.09
N LEU A 52 24.29 -18.47 10.24
CA LEU A 52 24.46 -17.74 11.49
C LEU A 52 25.86 -17.94 12.04
N GLN A 53 26.42 -16.88 12.62
CA GLN A 53 27.71 -16.95 13.29
C GLN A 53 27.56 -17.69 14.61
N HIS A 54 26.79 -17.12 15.52
CA HIS A 54 26.52 -17.72 16.81
C HIS A 54 25.06 -18.04 16.89
N SER A 55 24.75 -19.32 16.70
CA SER A 55 23.36 -19.78 16.54
C SER A 55 22.58 -19.92 17.86
N THR A 56 21.78 -18.89 18.16
CA THR A 56 20.88 -18.90 19.32
C THR A 56 19.54 -19.55 18.94
N GLU A 57 18.52 -19.37 19.77
CA GLU A 57 17.18 -19.87 19.48
C GLU A 57 16.31 -18.76 18.89
N GLU A 58 16.46 -17.55 19.42
CA GLU A 58 15.75 -16.37 18.93
C GLU A 58 16.27 -15.95 17.55
N HIS A 59 17.58 -16.06 17.36
CA HIS A 59 18.22 -15.72 16.09
C HIS A 59 17.92 -16.70 14.99
N LEU A 60 17.76 -17.97 15.37
CA LEU A 60 17.39 -19.04 14.42
C LEU A 60 15.94 -18.92 13.97
N ARG A 61 15.07 -18.52 14.89
CA ARG A 61 13.66 -18.28 14.60
C ARG A 61 13.50 -17.07 13.67
N ASP A 62 14.30 -16.02 13.91
CA ASP A 62 14.40 -14.87 13.01
C ASP A 62 14.86 -15.31 11.63
N PHE A 63 15.90 -16.14 11.61
CA PHE A 63 16.48 -16.68 10.39
C PHE A 63 15.47 -17.49 9.57
N GLU A 64 14.69 -18.32 10.25
CA GLU A 64 13.64 -19.12 9.61
C GLU A 64 12.60 -18.22 8.95
N ARG A 65 12.22 -17.16 9.64
CA ARG A 65 11.29 -16.17 9.10
C ARG A 65 11.91 -15.43 7.91
N GLU A 66 13.18 -15.05 8.05
CA GLU A 66 13.95 -14.44 6.96
C GLU A 66 13.94 -15.32 5.72
N ILE A 67 14.12 -16.63 5.91
CA ILE A 67 14.13 -17.58 4.81
C ILE A 67 12.77 -17.62 4.11
N GLU A 68 11.70 -17.52 4.89
CA GLU A 68 10.33 -17.53 4.35
C GLU A 68 9.99 -16.22 3.64
N ILE A 69 10.46 -15.10 4.23
CA ILE A 69 10.41 -13.79 3.58
C ILE A 69 10.99 -13.88 2.16
N LEU A 70 12.24 -14.29 2.03
CA LEU A 70 12.92 -14.29 0.73
C LEU A 70 12.32 -15.30 -0.26
N LYS A 71 12.00 -16.48 0.24
CA LYS A 71 11.30 -17.51 -0.54
C LYS A 71 10.04 -16.94 -1.18
N SER A 72 9.36 -16.04 -0.47
CA SER A 72 8.12 -15.45 -0.96
C SER A 72 8.30 -14.35 -2.01
N LEU A 73 9.54 -13.92 -2.24
CA LEU A 73 9.81 -12.77 -3.13
C LEU A 73 10.39 -13.18 -4.48
N GLN A 74 9.83 -12.63 -5.56
CA GLN A 74 10.32 -12.87 -6.92
C GLN A 74 10.24 -11.58 -7.72
N HIS A 75 11.38 -10.91 -7.87
CA HIS A 75 11.46 -9.62 -8.54
C HIS A 75 12.83 -9.49 -9.13
N ASP A 76 12.93 -8.84 -10.28
CA ASP A 76 14.21 -8.61 -10.95
C ASP A 76 15.25 -7.91 -10.07
N ASN A 77 14.77 -7.11 -9.11
CA ASN A 77 15.65 -6.32 -8.27
C ASN A 77 15.67 -6.81 -6.82
N ILE A 78 15.45 -8.12 -6.65
CA ILE A 78 15.60 -8.80 -5.36
C ILE A 78 16.37 -10.10 -5.61
N VAL A 79 17.43 -10.30 -4.81
CA VAL A 79 18.28 -11.48 -4.92
C VAL A 79 17.45 -12.78 -4.89
N LYS A 80 17.75 -13.69 -5.82
CA LYS A 80 17.00 -14.93 -5.94
C LYS A 80 17.26 -15.95 -4.83
N TYR A 81 16.17 -16.49 -4.29
CA TYR A 81 16.20 -17.62 -3.37
C TYR A 81 16.50 -18.88 -4.17
N LYS A 82 17.40 -19.72 -3.67
CA LYS A 82 17.66 -20.99 -4.32
C LYS A 82 17.16 -22.16 -3.46
N GLY A 83 17.45 -22.12 -2.17
CA GLY A 83 16.97 -23.15 -1.27
C GLY A 83 17.58 -23.08 0.11
N VAL A 84 17.56 -24.22 0.81
CA VAL A 84 18.13 -24.31 2.15
C VAL A 84 18.97 -25.57 2.34
N CYS A 85 19.82 -25.54 3.37
CA CYS A 85 20.71 -26.63 3.67
C CYS A 85 20.66 -26.93 5.17
N TYR A 86 20.40 -28.20 5.51
CA TYR A 86 20.37 -28.66 6.90
C TYR A 86 21.61 -29.49 7.24
N SER A 87 22.28 -29.11 8.33
CA SER A 87 23.44 -29.84 8.89
C SER A 87 24.28 -30.67 7.91
N ASN A 92 22.23 -27.32 11.78
CA ASN A 92 22.47 -25.90 11.54
C ASN A 92 22.06 -25.42 10.15
N LEU A 93 21.07 -24.52 10.14
CA LEU A 93 20.39 -24.08 8.94
C LEU A 93 21.20 -23.10 8.09
N LYS A 94 21.18 -23.29 6.77
CA LYS A 94 21.89 -22.42 5.81
C LYS A 94 20.98 -21.98 4.67
N LEU A 95 21.01 -20.68 4.36
CA LEU A 95 20.23 -20.12 3.26
C LEU A 95 21.09 -20.06 2.01
N ILE A 96 20.60 -20.70 0.94
CA ILE A 96 21.28 -20.74 -0.34
C ILE A 96 20.63 -19.71 -1.26
N MET A 97 21.45 -18.81 -1.79
CA MET A 97 20.97 -17.81 -2.74
C MET A 97 21.81 -17.81 -4.00
N GLU A 98 21.37 -17.05 -4.99
CA GLU A 98 22.17 -16.84 -6.20
C GLU A 98 23.40 -16.01 -5.82
N TYR A 99 24.50 -16.27 -6.52
CA TYR A 99 25.72 -15.47 -6.37
C TYR A 99 25.73 -14.31 -7.38
N LEU A 100 25.86 -13.09 -6.87
CA LEU A 100 25.96 -11.90 -7.73
C LEU A 100 27.42 -11.47 -7.83
N PRO A 101 28.00 -11.50 -9.05
CA PRO A 101 29.46 -11.46 -9.19
C PRO A 101 30.14 -10.10 -8.96
N TYR A 102 29.40 -9.01 -9.09
CA TYR A 102 29.98 -7.67 -8.92
C TYR A 102 29.91 -7.10 -7.50
N GLY A 103 29.50 -7.92 -6.54
CA GLY A 103 29.52 -7.50 -5.14
C GLY A 103 28.54 -6.39 -4.77
N SER A 104 28.83 -5.68 -3.67
CA SER A 104 27.93 -4.65 -3.15
C SER A 104 27.97 -3.40 -4.02
N LEU A 105 26.83 -2.74 -4.15
CA LEU A 105 26.77 -1.47 -4.84
C LEU A 105 27.74 -0.46 -4.20
N ARG A 106 27.90 -0.52 -2.87
CA ARG A 106 28.88 0.30 -2.17
C ARG A 106 30.30 0.15 -2.73
N ASP A 107 30.80 -1.09 -2.78
CA ASP A 107 32.16 -1.36 -3.27
C ASP A 107 32.30 -1.06 -4.74
N TYR A 108 31.29 -1.48 -5.51
CA TYR A 108 31.29 -1.35 -6.97
C TYR A 108 31.32 0.11 -7.43
N LEU A 109 30.50 0.94 -6.79
CA LEU A 109 30.45 2.36 -7.08
C LEU A 109 31.79 3.02 -6.80
N GLN A 110 32.41 2.65 -5.68
CA GLN A 110 33.70 3.19 -5.25
C GLN A 110 34.84 2.87 -6.23
N LYS A 111 34.77 1.69 -6.84
CA LYS A 111 35.77 1.26 -7.81
C LYS A 111 35.60 1.94 -9.16
N HIS A 112 34.37 2.04 -9.63
CA HIS A 112 34.08 2.57 -10.97
C HIS A 112 33.51 3.97 -10.96
N LYS A 113 33.91 4.79 -9.99
CA LYS A 113 33.32 6.12 -9.80
C LYS A 113 33.49 7.06 -11.02
N GLU A 114 34.57 6.86 -11.78
CA GLU A 114 34.80 7.65 -13.00
C GLU A 114 34.04 7.12 -14.21
N ARG A 115 33.55 5.90 -14.09
CA ARG A 115 32.85 5.21 -15.18
C ARG A 115 31.32 5.31 -15.02
N ILE A 116 30.86 5.58 -13.80
CA ILE A 116 29.42 5.62 -13.50
C ILE A 116 28.93 7.07 -13.44
N ASP A 117 28.12 7.43 -14.43
CA ASP A 117 27.55 8.78 -14.50
C ASP A 117 26.21 8.86 -13.77
N HIS A 118 25.67 10.06 -13.68
CA HIS A 118 24.42 10.33 -12.99
C HIS A 118 23.25 9.61 -13.60
N ILE A 119 23.27 9.47 -14.93
CA ILE A 119 22.24 8.71 -15.63
C ILE A 119 22.24 7.24 -15.16
N LYS A 120 23.42 6.67 -14.95
CA LYS A 120 23.56 5.34 -14.38
C LYS A 120 23.11 5.25 -12.92
N LEU A 121 23.49 6.25 -12.11
CA LEU A 121 23.06 6.29 -10.71
C LEU A 121 21.54 6.29 -10.62
N LEU A 122 20.88 7.00 -11.54
CA LEU A 122 19.43 7.08 -11.53
C LEU A 122 18.78 5.79 -11.98
N GLN A 123 19.38 5.12 -12.95
CA GLN A 123 18.99 3.75 -13.30
C GLN A 123 19.00 2.84 -12.07
N TYR A 124 20.10 2.85 -11.30
CA TYR A 124 20.22 2.02 -10.11
C TYR A 124 19.17 2.42 -9.09
N THR A 125 19.01 3.73 -8.89
CA THR A 125 18.03 4.30 -7.98
C THR A 125 16.60 3.82 -8.29
N SER A 126 16.23 3.88 -9.57
CA SER A 126 14.92 3.44 -10.02
C SER A 126 14.67 1.95 -9.71
N GLN A 127 15.69 1.13 -9.93
CA GLN A 127 15.61 -0.30 -9.62
C GLN A 127 15.42 -0.55 -8.12
N ILE A 128 16.17 0.16 -7.30
CA ILE A 128 16.03 0.11 -5.84
C ILE A 128 14.59 0.45 -5.41
N CYS A 129 14.03 1.51 -5.98
CA CYS A 129 12.64 1.91 -5.75
C CYS A 129 11.63 0.83 -6.14
N LYS A 130 11.79 0.25 -7.32
CA LYS A 130 10.87 -0.80 -7.78
C LYS A 130 10.92 -2.02 -6.85
N GLY A 131 12.12 -2.39 -6.42
CA GLY A 131 12.31 -3.52 -5.53
C GLY A 131 11.75 -3.22 -4.16
N MET A 132 11.93 -1.97 -3.71
CA MET A 132 11.39 -1.53 -2.43
C MET A 132 9.86 -1.47 -2.43
N GLU A 133 9.26 -0.97 -3.51
CA GLU A 133 7.80 -0.97 -3.65
C GLU A 133 7.23 -2.39 -3.65
N TYR A 134 7.99 -3.34 -4.18
CA TYR A 134 7.52 -4.73 -4.24
C TYR A 134 7.43 -5.32 -2.83
N LEU A 135 8.37 -4.96 -1.97
CA LEU A 135 8.37 -5.35 -0.56
C LEU A 135 7.16 -4.80 0.17
N GLY A 136 6.90 -3.50 0.01
CA GLY A 136 5.76 -2.83 0.65
C GLY A 136 4.43 -3.42 0.23
N THR A 137 4.39 -3.90 -1.01
CA THR A 137 3.28 -4.67 -1.59
C THR A 137 2.95 -5.92 -0.77
N LYS A 138 3.96 -6.46 -0.09
CA LYS A 138 3.79 -7.65 0.74
C LYS A 138 3.85 -7.29 2.22
N ARG A 139 3.77 -5.99 2.49
CA ARG A 139 3.81 -5.42 3.84
C ARG A 139 5.09 -5.82 4.57
N TYR A 140 6.16 -5.98 3.79
CA TYR A 140 7.48 -6.19 4.33
C TYR A 140 8.17 -4.85 4.53
N ILE A 141 8.79 -4.69 5.70
CA ILE A 141 9.58 -3.50 6.03
C ILE A 141 11.03 -3.93 6.13
N HIS A 142 11.90 -3.29 5.35
CA HIS A 142 13.28 -3.73 5.21
C HIS A 142 14.18 -3.30 6.33
N ARG A 143 14.03 -2.05 6.77
CA ARG A 143 14.70 -1.51 7.97
C ARG A 143 16.19 -1.18 7.78
N ASP A 144 16.86 -1.94 6.92
CA ASP A 144 18.32 -1.97 6.88
C ASP A 144 18.93 -1.46 5.55
N LEU A 145 18.11 -0.90 4.67
CA LEU A 145 18.55 -0.55 3.31
C LEU A 145 19.78 0.36 3.31
N ALA A 146 20.81 -0.04 2.57
CA ALA A 146 22.05 0.71 2.46
C ALA A 146 22.79 0.19 1.24
N THR A 147 23.74 0.97 0.72
CA THR A 147 24.48 0.54 -0.47
C THR A 147 25.28 -0.75 -0.23
N ARG A 148 25.69 -0.99 1.02
CA ARG A 148 26.39 -2.24 1.37
C ARG A 148 25.57 -3.53 1.15
N ASN A 149 24.26 -3.44 1.30
CA ASN A 149 23.40 -4.62 1.09
C ASN A 149 22.55 -4.61 -0.20
N ILE A 150 22.83 -3.65 -1.08
CA ILE A 150 22.31 -3.68 -2.45
C ILE A 150 23.41 -4.23 -3.32
N LEU A 151 23.09 -5.25 -4.11
CA LEU A 151 24.13 -6.00 -4.83
C LEU A 151 24.06 -5.87 -6.34
N VAL A 152 25.22 -6.03 -7.00
CA VAL A 152 25.32 -5.79 -8.43
C VAL A 152 25.41 -7.10 -9.22
N GLU A 153 24.35 -7.40 -9.97
CA GLU A 153 24.34 -8.58 -10.84
C GLU A 153 25.21 -8.36 -12.08
N ASN A 154 25.01 -7.21 -12.71
CA ASN A 154 25.78 -6.79 -13.85
C ASN A 154 25.72 -5.26 -13.91
N GLU A 155 26.29 -4.70 -14.96
CA GLU A 155 26.42 -3.25 -15.11
C GLU A 155 25.07 -2.53 -15.18
N ASN A 156 24.04 -3.24 -15.62
CA ASN A 156 22.72 -2.65 -15.85
C ASN A 156 21.64 -3.09 -14.85
N ARG A 157 22.05 -3.73 -13.75
CA ARG A 157 21.08 -4.33 -12.83
C ARG A 157 21.61 -4.50 -11.41
N VAL A 158 20.93 -3.88 -10.45
CA VAL A 158 21.18 -4.09 -9.02
C VAL A 158 20.01 -4.82 -8.36
N LYS A 159 20.27 -5.41 -7.20
CA LYS A 159 19.26 -6.12 -6.44
C LYS A 159 19.37 -5.86 -4.95
N ILE A 160 18.24 -5.78 -4.27
CA ILE A 160 18.28 -5.78 -2.82
C ILE A 160 18.75 -7.15 -2.35
N GLY A 161 19.84 -7.17 -1.60
CA GLY A 161 20.64 -8.38 -1.50
C GLY A 161 20.62 -9.12 -0.18
N ASP A 162 19.99 -8.52 0.82
CA ASP A 162 19.93 -9.14 2.14
C ASP A 162 18.66 -8.72 2.88
N PHE A 163 18.05 -9.66 3.59
CA PHE A 163 16.77 -9.38 4.26
C PHE A 163 16.83 -9.74 5.74
N GLY A 164 18.04 -9.62 6.29
CA GLY A 164 18.34 -9.93 7.68
C GLY A 164 17.46 -9.26 8.73
N LEU A 165 17.12 -7.98 8.53
CA LEU A 165 16.31 -7.25 9.52
C LEU A 165 14.86 -7.00 9.09
N THR A 166 14.46 -7.62 7.97
CA THR A 166 13.16 -7.41 7.36
C THR A 166 12.03 -7.96 8.22
N LYS A 167 11.00 -7.15 8.42
CA LYS A 167 9.84 -7.53 9.23
C LYS A 167 8.52 -7.51 8.44
N VAL A 168 7.61 -8.40 8.79
CA VAL A 168 6.24 -8.34 8.31
C VAL A 168 5.47 -7.43 9.26
N LEU A 169 4.69 -6.50 8.70
CA LEU A 169 3.74 -5.71 9.47
C LEU A 169 2.65 -6.61 10.04
N PRO A 170 2.20 -6.33 11.28
CA PRO A 170 0.99 -6.99 11.76
C PRO A 170 -0.20 -6.58 10.90
N GLN A 171 -1.21 -7.45 10.82
CA GLN A 171 -2.43 -7.20 10.05
C GLN A 171 -3.09 -5.84 10.32
N ASP A 172 -3.07 -5.42 11.57
CA ASP A 172 -3.83 -4.26 12.04
C ASP A 172 -3.04 -2.95 12.18
N LYS A 173 -1.77 -2.97 11.79
CA LYS A 173 -0.90 -1.80 11.99
C LYS A 173 -0.02 -1.46 10.78
N GLU A 174 0.29 -0.18 10.63
CA GLU A 174 1.11 0.31 9.52
C GLU A 174 2.57 0.52 9.92
N PTR A 175 2.89 0.22 11.17
CA PTR A 175 4.26 0.27 11.67
C PTR A 175 4.52 -1.00 12.44
O PTR A 175 3.59 -1.78 12.71
CB PTR A 175 4.51 1.51 12.54
CG PTR A 175 3.62 1.55 13.76
CD1 PTR A 175 2.39 2.21 13.70
CD2 PTR A 175 4.03 0.94 14.96
CE1 PTR A 175 1.57 2.25 14.82
CE2 PTR A 175 3.21 0.99 16.08
CZ PTR A 175 1.97 1.64 16.01
OH PTR A 175 1.16 1.68 17.10
P PTR A 175 0.94 3.01 18.00
O1P PTR A 175 0.06 2.49 19.11
O2P PTR A 175 0.27 4.02 17.09
O3P PTR A 175 2.34 3.40 18.44
N PTR A 176 5.77 -1.22 12.78
CA PTR A 176 6.18 -2.39 13.55
C PTR A 176 7.19 -1.84 14.51
O PTR A 176 8.12 -1.15 14.11
CB PTR A 176 6.76 -3.39 12.57
CG PTR A 176 7.25 -4.66 13.21
CD1 PTR A 176 8.47 -4.62 13.90
CD2 PTR A 176 6.53 -5.85 13.11
CE1 PTR A 176 8.94 -5.76 14.52
CE2 PTR A 176 7.03 -7.01 13.74
CZ PTR A 176 8.23 -6.96 14.44
OH PTR A 176 8.81 -8.05 15.06
P PTR A 176 8.03 -9.27 15.75
O1P PTR A 176 6.94 -8.60 16.58
O2P PTR A 176 7.53 -10.09 14.58
O3P PTR A 176 9.11 -9.93 16.56
N LYS A 177 6.98 -2.14 15.80
CA LYS A 177 7.87 -1.68 16.87
C LYS A 177 8.89 -2.76 17.22
N VAL A 178 10.17 -2.38 17.20
CA VAL A 178 11.24 -3.31 17.53
C VAL A 178 12.47 -2.57 18.07
N LYS A 179 12.91 -2.98 19.26
CA LYS A 179 14.13 -2.46 19.87
C LYS A 179 15.13 -3.60 19.98
N GLU A 180 16.07 -3.64 19.04
CA GLU A 180 17.09 -4.68 19.02
C GLU A 180 18.34 -4.25 19.79
N PRO A 181 18.96 -5.18 20.52
CA PRO A 181 20.18 -4.85 21.27
C PRO A 181 21.42 -4.81 20.37
N GLY A 182 22.46 -4.12 20.83
CA GLY A 182 23.73 -4.04 20.09
C GLY A 182 23.84 -2.83 19.19
N GLU A 183 24.66 -2.96 18.14
CA GLU A 183 24.95 -1.87 17.23
C GLU A 183 23.87 -1.71 16.15
N SER A 184 23.11 -0.61 16.23
CA SER A 184 22.10 -0.27 15.24
C SER A 184 22.61 0.79 14.26
N PRO A 185 22.33 0.63 12.96
CA PRO A 185 22.76 1.60 11.94
C PRO A 185 21.98 2.91 12.03
N ILE A 186 22.20 3.65 13.11
CA ILE A 186 21.36 4.81 13.47
C ILE A 186 21.39 5.97 12.47
N PHE A 187 22.47 6.11 11.72
CA PHE A 187 22.59 7.22 10.78
C PHE A 187 21.79 7.01 9.48
N TRP A 188 21.09 5.89 9.39
CA TRP A 188 20.17 5.61 8.28
C TRP A 188 18.73 5.61 8.71
N TYR A 189 18.50 5.80 10.01
CA TYR A 189 17.16 5.65 10.59
C TYR A 189 16.34 6.93 10.61
N ALA A 190 15.05 6.79 10.38
CA ALA A 190 14.10 7.88 10.57
C ALA A 190 14.11 8.29 12.04
N PRO A 191 13.66 9.53 12.34
CA PRO A 191 13.65 9.98 13.74
C PRO A 191 12.74 9.12 14.62
N GLU A 192 11.54 8.81 14.13
CA GLU A 192 10.56 8.03 14.88
C GLU A 192 11.04 6.60 15.17
N SER A 193 12.02 6.15 14.38
CA SER A 193 12.69 4.87 14.61
C SER A 193 13.71 4.95 15.75
N LEU A 194 14.36 6.10 15.88
CA LEU A 194 15.31 6.36 16.96
C LEU A 194 14.59 6.64 18.27
N THR A 195 13.52 7.44 18.20
CA THR A 195 12.78 7.85 19.40
C THR A 195 11.81 6.76 19.87
N GLU A 196 11.05 6.18 18.94
CA GLU A 196 9.91 5.33 19.28
C GLU A 196 10.08 3.88 18.83
N SER A 197 11.20 3.57 18.19
CA SER A 197 11.47 2.23 17.62
C SER A 197 10.40 1.77 16.61
N LYS A 198 9.75 2.75 15.96
CA LYS A 198 8.73 2.50 14.96
C LYS A 198 9.34 2.39 13.58
N PHE A 199 9.11 1.25 12.91
CA PHE A 199 9.59 1.03 11.55
C PHE A 199 8.40 0.78 10.62
N SER A 200 8.42 1.46 9.48
CA SER A 200 7.32 1.41 8.52
C SER A 200 7.84 1.59 7.10
N VAL A 201 6.93 1.52 6.13
CA VAL A 201 7.25 1.84 4.74
C VAL A 201 7.83 3.26 4.67
N ALA A 202 7.28 4.17 5.46
CA ALA A 202 7.75 5.56 5.49
C ALA A 202 9.14 5.73 6.09
N SER A 203 9.53 4.85 7.02
CA SER A 203 10.89 4.90 7.55
C SER A 203 11.88 4.27 6.57
N ASP A 204 11.40 3.30 5.79
CA ASP A 204 12.19 2.76 4.65
C ASP A 204 12.45 3.83 3.59
N VAL A 205 11.47 4.73 3.42
CA VAL A 205 11.60 5.84 2.47
C VAL A 205 12.70 6.79 2.94
N TRP A 206 12.68 7.14 4.24
CA TRP A 206 13.76 7.90 4.87
C TRP A 206 15.12 7.32 4.55
N SER A 207 15.28 6.03 4.83
CA SER A 207 16.51 5.30 4.59
C SER A 207 16.85 5.25 3.09
N PHE A 208 15.84 5.13 2.24
CA PHE A 208 16.07 5.23 0.81
C PHE A 208 16.70 6.58 0.46
N GLY A 209 16.27 7.64 1.14
CA GLY A 209 16.85 8.96 0.95
C GLY A 209 18.33 8.96 1.25
N VAL A 210 18.69 8.22 2.29
CA VAL A 210 20.10 8.11 2.70
C VAL A 210 20.88 7.32 1.67
N VAL A 211 20.23 6.32 1.06
CA VAL A 211 20.84 5.52 0.00
C VAL A 211 21.10 6.39 -1.23
N LEU A 212 20.13 7.22 -1.58
CA LEU A 212 20.27 8.17 -2.68
C LEU A 212 21.46 9.10 -2.43
N TYR A 213 21.53 9.63 -1.21
CA TYR A 213 22.67 10.44 -0.78
C TYR A 213 23.99 9.69 -1.02
N GLU A 214 24.09 8.50 -0.44
CA GLU A 214 25.29 7.66 -0.56
C GLU A 214 25.76 7.59 -2.02
N LEU A 215 24.85 7.16 -2.88
CA LEU A 215 25.16 6.99 -4.30
C LEU A 215 25.79 8.26 -4.86
N PHE A 216 25.17 9.41 -4.57
CA PHE A 216 25.62 10.68 -5.13
C PHE A 216 26.89 11.24 -4.48
N THR A 217 27.28 10.71 -3.33
CA THR A 217 28.62 10.96 -2.80
C THR A 217 29.68 10.04 -3.45
N TYR A 218 29.23 9.07 -4.25
CA TYR A 218 30.14 8.07 -4.85
C TYR A 218 30.97 7.34 -3.79
N ILE A 219 30.40 7.26 -2.59
CA ILE A 219 31.02 6.60 -1.43
C ILE A 219 32.36 7.24 -1.03
N GLU A 220 32.45 8.55 -1.15
CA GLU A 220 33.64 9.25 -0.68
C GLU A 220 33.64 9.17 0.85
N LYS A 221 34.76 8.70 1.41
CA LYS A 221 34.85 8.28 2.82
C LYS A 221 34.43 9.36 3.82
N SER A 222 34.96 10.57 3.64
CA SER A 222 34.67 11.67 4.54
C SER A 222 33.23 12.18 4.37
N LYS A 223 32.57 11.73 3.30
CA LYS A 223 31.20 12.15 2.99
C LYS A 223 30.10 11.17 3.42
N SER A 224 30.47 10.09 4.09
CA SER A 224 29.50 9.09 4.55
C SER A 224 28.55 9.69 5.59
N PRO A 225 27.33 9.10 5.72
CA PRO A 225 26.40 9.62 6.73
C PRO A 225 26.98 9.63 8.16
N PRO A 226 27.63 8.54 8.61
CA PRO A 226 28.23 8.63 9.95
C PRO A 226 29.20 9.80 10.10
N ALA A 227 30.14 9.93 9.17
CA ALA A 227 31.13 11.01 9.23
C ALA A 227 30.52 12.41 9.18
N GLU A 228 29.53 12.60 8.30
CA GLU A 228 28.81 13.88 8.19
C GLU A 228 27.99 14.24 9.43
N PHE A 229 27.19 13.29 9.92
CA PHE A 229 26.42 13.48 11.14
C PHE A 229 27.31 13.69 12.36
N MET A 230 28.39 12.89 12.48
CA MET A 230 29.35 13.03 13.57
C MET A 230 30.03 14.40 13.59
N ARG A 231 30.35 14.93 12.42
CA ARG A 231 30.88 16.29 12.32
C ARG A 231 29.85 17.33 12.74
N MET A 232 28.60 17.14 12.32
CA MET A 232 27.50 18.04 12.68
C MET A 232 27.17 18.03 14.18
N ILE A 233 27.32 16.87 14.81
CA ILE A 233 27.12 16.70 16.26
C ILE A 233 28.35 17.19 17.03
N GLY A 234 29.54 16.91 16.51
CA GLY A 234 30.80 17.18 17.19
C GLY A 234 31.41 15.88 17.65
N ASN A 235 32.58 15.55 17.10
CA ASN A 235 33.26 14.26 17.34
C ASN A 235 33.69 14.00 18.79
N ASP A 236 33.43 14.96 19.67
CA ASP A 236 33.72 14.83 21.10
C ASP A 236 32.64 14.05 21.86
N LYS A 237 31.71 13.44 21.13
CA LYS A 237 30.59 12.69 21.72
C LYS A 237 30.86 11.19 21.86
N GLN A 238 30.34 10.62 22.95
CA GLN A 238 30.61 9.21 23.31
C GLN A 238 29.35 8.35 23.27
N GLY A 239 29.51 7.13 22.76
CA GLY A 239 28.48 6.08 22.74
C GLY A 239 27.01 6.48 22.79
N GLN A 240 26.46 6.53 24.00
CA GLN A 240 25.02 6.75 24.20
C GLN A 240 24.56 8.17 23.92
N MET A 241 25.46 9.13 24.05
CA MET A 241 25.14 10.53 23.79
C MET A 241 25.01 10.84 22.30
N ILE A 242 25.58 9.97 21.45
CA ILE A 242 25.50 10.14 19.99
C ILE A 242 24.04 10.11 19.53
N VAL A 243 23.35 9.00 19.79
CA VAL A 243 21.92 8.85 19.43
C VAL A 243 21.09 10.04 19.91
N PHE A 244 21.28 10.44 21.16
CA PHE A 244 20.56 11.58 21.76
C PHE A 244 20.75 12.88 20.96
N HIS A 245 22.01 13.18 20.63
CA HIS A 245 22.32 14.41 19.91
C HIS A 245 21.87 14.35 18.47
N LEU A 246 21.88 13.15 17.89
CA LEU A 246 21.37 12.91 16.54
C LEU A 246 19.87 13.22 16.48
N ILE A 247 19.14 12.70 17.45
CA ILE A 247 17.69 12.92 17.60
C ILE A 247 17.37 14.41 17.60
N GLU A 248 18.11 15.16 18.41
CA GLU A 248 17.94 16.61 18.51
C GLU A 248 18.23 17.32 17.21
N LEU A 249 19.30 16.91 16.53
CA LEU A 249 19.70 17.49 15.25
C LEU A 249 18.60 17.31 14.20
N LEU A 250 18.05 16.10 14.13
CA LEU A 250 16.99 15.80 13.17
C LEU A 250 15.71 16.57 13.50
N LYS A 251 15.42 16.72 14.79
CA LYS A 251 14.24 17.46 15.24
C LYS A 251 14.36 18.93 14.83
N ASN A 252 15.59 19.43 14.81
CA ASN A 252 15.87 20.80 14.41
C ASN A 252 16.16 20.97 12.91
N ASN A 253 15.73 19.98 12.14
CA ASN A 253 15.90 19.97 10.68
C ASN A 253 17.36 20.07 10.19
N GLY A 254 18.27 19.53 11.00
CA GLY A 254 19.62 19.23 10.53
C GLY A 254 19.53 18.06 9.56
N ARG A 255 20.13 18.22 8.38
CA ARG A 255 20.11 17.20 7.34
C ARG A 255 21.51 17.02 6.73
N LEU A 256 21.77 15.84 6.18
CA LEU A 256 22.96 15.62 5.36
C LEU A 256 23.05 16.66 4.23
N PRO A 257 24.25 17.20 3.95
CA PRO A 257 24.36 18.23 2.91
C PRO A 257 24.20 17.63 1.52
N ARG A 258 23.91 18.48 0.54
CA ARG A 258 23.87 18.05 -0.86
C ARG A 258 25.27 17.59 -1.27
N PRO A 259 25.37 16.38 -1.88
CA PRO A 259 26.68 15.91 -2.32
C PRO A 259 27.24 16.73 -3.48
N ASP A 260 28.57 16.82 -3.54
CA ASP A 260 29.25 17.48 -4.65
C ASP A 260 28.74 16.96 -5.97
N GLY A 261 28.27 17.88 -6.81
CA GLY A 261 27.79 17.54 -8.15
C GLY A 261 26.33 17.13 -8.25
N CYS A 262 25.66 16.96 -7.12
CA CYS A 262 24.27 16.54 -7.14
C CYS A 262 23.39 17.69 -7.62
N PRO A 263 22.56 17.44 -8.67
CA PRO A 263 21.62 18.48 -9.10
C PRO A 263 20.61 18.79 -7.99
N ASP A 264 20.03 19.99 -8.02
CA ASP A 264 19.15 20.41 -6.94
C ASP A 264 17.86 19.61 -6.84
N GLU A 265 17.37 19.15 -7.99
CA GLU A 265 16.16 18.34 -8.05
C GLU A 265 16.34 16.90 -7.54
N ILE A 266 17.57 16.41 -7.51
CA ILE A 266 17.88 15.09 -6.93
C ILE A 266 18.02 15.25 -5.43
N TYR A 267 18.65 16.35 -5.02
CA TYR A 267 18.71 16.68 -3.60
C TYR A 267 17.31 16.91 -3.00
N MET A 268 16.41 17.46 -3.81
CA MET A 268 15.03 17.72 -3.38
C MET A 268 14.31 16.41 -3.04
N ILE A 269 14.53 15.39 -3.87
CA ILE A 269 14.04 14.05 -3.60
C ILE A 269 14.51 13.57 -2.22
N MET A 270 15.82 13.68 -1.99
CA MET A 270 16.43 13.31 -0.71
C MET A 270 15.79 14.03 0.47
N THR A 271 15.65 15.35 0.36
CA THR A 271 15.11 16.14 1.47
C THR A 271 13.65 15.84 1.72
N GLU A 272 12.92 15.49 0.65
CA GLU A 272 11.52 15.12 0.80
C GLU A 272 11.35 13.73 1.45
N CYS A 273 12.32 12.85 1.22
CA CYS A 273 12.38 11.56 1.91
C CYS A 273 12.66 11.78 3.39
N TRP A 274 13.43 12.82 3.69
CA TRP A 274 13.81 13.12 5.07
C TRP A 274 12.85 14.05 5.80
N ASN A 275 11.56 13.89 5.58
CA ASN A 275 10.58 14.67 6.33
C ASN A 275 10.42 14.13 7.75
N ASN A 276 10.37 15.03 8.72
CA ASN A 276 10.09 14.64 10.11
C ASN A 276 8.67 14.10 10.22
N ASN A 277 7.78 14.59 9.36
CA ASN A 277 6.41 14.11 9.35
C ASN A 277 6.30 12.82 8.54
N VAL A 278 6.19 11.70 9.26
CA VAL A 278 6.12 10.37 8.67
C VAL A 278 5.17 10.32 7.46
N ASN A 279 4.03 10.96 7.58
CA ASN A 279 2.98 10.88 6.56
C ASN A 279 3.24 11.73 5.30
N GLN A 280 4.19 12.66 5.37
CA GLN A 280 4.44 13.58 4.26
C GLN A 280 5.56 13.10 3.34
N ARG A 281 6.18 11.98 3.72
CA ARG A 281 7.22 11.39 2.89
C ARG A 281 6.59 10.80 1.62
N PRO A 282 7.30 10.88 0.49
CA PRO A 282 6.77 10.29 -0.75
C PRO A 282 6.65 8.77 -0.66
N SER A 283 5.83 8.21 -1.55
CA SER A 283 5.70 6.79 -1.70
C SER A 283 6.81 6.29 -2.63
N PHE A 284 7.08 4.98 -2.63
CA PHE A 284 8.09 4.44 -3.54
C PHE A 284 7.69 4.48 -5.02
N ARG A 285 6.39 4.41 -5.29
CA ARG A 285 5.88 4.54 -6.66
C ARG A 285 6.10 5.94 -7.25
N ASP A 286 5.95 6.97 -6.41
CA ASP A 286 6.14 8.36 -6.82
C ASP A 286 7.62 8.71 -6.98
N LEU A 287 8.47 8.09 -6.15
CA LEU A 287 9.92 8.29 -6.26
C LEU A 287 10.44 7.75 -7.57
N ALA A 288 9.94 6.59 -7.95
CA ALA A 288 10.28 5.94 -9.23
C ALA A 288 9.83 6.77 -10.44
N LEU A 289 8.60 7.27 -10.42
CA LEU A 289 8.09 8.16 -11.46
C LEU A 289 8.96 9.38 -11.61
N ARG A 290 9.29 10.00 -10.48
CA ARG A 290 10.10 11.20 -10.46
C ARG A 290 11.54 10.97 -10.91
N VAL A 291 12.13 9.85 -10.48
CA VAL A 291 13.48 9.49 -10.90
C VAL A 291 13.49 9.16 -12.38
N ASP A 292 12.54 8.31 -12.82
CA ASP A 292 12.37 7.99 -14.22
C ASP A 292 12.19 9.22 -15.10
N GLN A 293 11.40 10.20 -14.63
CA GLN A 293 11.21 11.44 -15.39
C GLN A 293 12.50 12.23 -15.55
N ILE A 294 13.26 12.36 -14.47
CA ILE A 294 14.57 12.99 -14.52
C ILE A 294 15.53 12.24 -15.46
N ARG A 295 15.53 10.90 -15.40
CA ARG A 295 16.30 10.07 -16.33
C ARG A 295 15.96 10.40 -17.78
N ASP A 296 14.67 10.41 -18.09
CA ASP A 296 14.17 10.66 -19.46
C ASP A 296 14.58 12.00 -20.03
N ASN A 297 14.70 12.99 -19.13
CA ASN A 297 15.08 14.34 -19.51
C ASN A 297 16.59 14.50 -19.73
N MET A 298 17.37 13.69 -19.05
CA MET A 298 18.82 13.68 -19.24
C MET A 298 19.24 12.96 -20.52
N ALA A 299 18.39 12.03 -20.98
CA ALA A 299 18.63 11.27 -22.20
C ALA A 299 18.30 12.05 -23.49
N GLY A 300 17.37 12.99 -23.39
CA GLY A 300 16.96 13.82 -24.52
C GLY A 300 18.01 14.85 -24.93
N ARG B 7 -8.86 34.22 2.60
CA ARG B 7 -10.19 33.84 3.18
C ARG B 7 -10.44 32.32 3.05
N ASP B 8 -11.27 31.95 2.09
CA ASP B 8 -11.70 30.57 1.79
C ASP B 8 -11.48 29.47 2.85
N PRO B 9 -12.55 29.15 3.62
CA PRO B 9 -12.49 28.08 4.63
C PRO B 9 -12.35 26.68 4.04
N THR B 10 -12.47 26.55 2.72
CA THR B 10 -12.23 25.28 2.03
C THR B 10 -10.78 25.12 1.57
N GLN B 11 -9.94 26.11 1.87
CA GLN B 11 -8.50 25.99 1.65
C GLN B 11 -7.86 25.62 2.98
N PHE B 12 -7.24 24.45 3.03
CA PHE B 12 -6.62 23.97 4.26
C PHE B 12 -5.09 24.04 4.16
N GLU B 13 -4.46 24.57 5.21
CA GLU B 13 -3.00 24.73 5.23
C GLU B 13 -2.34 23.48 5.77
N GLU B 14 -1.37 22.96 5.02
CA GLU B 14 -0.65 21.75 5.38
C GLU B 14 -0.01 21.84 6.77
N ARG B 15 0.55 23.00 7.10
CA ARG B 15 1.19 23.22 8.40
C ARG B 15 0.25 23.09 9.60
N HIS B 16 -1.04 23.35 9.39
CA HIS B 16 -2.02 23.21 10.47
C HIS B 16 -2.63 21.83 10.56
N LEU B 17 -2.38 21.01 9.54
CA LEU B 17 -2.96 19.68 9.44
C LEU B 17 -2.11 18.66 10.21
N LYS B 18 -2.62 18.19 11.35
CA LYS B 18 -1.84 17.34 12.23
C LYS B 18 -2.24 15.87 12.12
N PHE B 19 -1.26 15.04 11.74
CA PHE B 19 -1.47 13.64 11.46
C PHE B 19 -1.76 12.83 12.72
N LEU B 20 -2.83 12.02 12.68
CA LEU B 20 -3.18 11.15 13.80
C LEU B 20 -2.94 9.69 13.46
N GLN B 21 -3.54 9.22 12.37
CA GLN B 21 -3.36 7.85 11.90
C GLN B 21 -3.83 7.68 10.46
N GLN B 22 -3.35 6.63 9.79
CA GLN B 22 -3.87 6.25 8.50
C GLN B 22 -5.16 5.45 8.70
N LEU B 23 -6.19 5.78 7.90
CA LEU B 23 -7.48 5.12 8.02
C LEU B 23 -7.67 4.01 6.98
N GLY B 24 -7.05 4.17 5.82
CA GLY B 24 -7.12 3.15 4.78
C GLY B 24 -6.18 3.41 3.62
N LYS B 25 -5.90 2.35 2.88
CA LYS B 25 -5.03 2.43 1.72
C LYS B 25 -5.71 1.62 0.62
N GLY B 26 -5.73 2.18 -0.58
CA GLY B 26 -6.32 1.50 -1.73
C GLY B 26 -5.25 1.10 -2.71
N ASN B 27 -5.63 0.94 -3.97
CA ASN B 27 -4.68 0.56 -5.01
C ASN B 27 -3.69 1.68 -5.36
N PHE B 28 -4.15 2.93 -5.33
CA PHE B 28 -3.32 4.08 -5.71
C PHE B 28 -3.51 5.31 -4.82
N GLY B 29 -4.30 5.15 -3.75
CA GLY B 29 -4.58 6.26 -2.84
C GLY B 29 -4.78 5.81 -1.41
N SER B 30 -4.94 6.78 -0.51
CA SER B 30 -5.09 6.48 0.91
C SER B 30 -5.83 7.62 1.62
N VAL B 31 -6.43 7.31 2.76
CA VAL B 31 -7.14 8.30 3.56
C VAL B 31 -6.53 8.37 4.96
N GLU B 32 -6.25 9.59 5.42
CA GLU B 32 -5.63 9.80 6.74
C GLU B 32 -6.53 10.56 7.70
N MET B 33 -6.42 10.23 8.98
CA MET B 33 -7.11 10.95 10.02
C MET B 33 -6.17 12.03 10.53
N CYS B 34 -6.63 13.28 10.46
CA CYS B 34 -5.85 14.42 10.89
C CYS B 34 -6.70 15.34 11.76
N ARG B 35 -6.04 16.18 12.54
CA ARG B 35 -6.69 17.28 13.23
C ARG B 35 -6.22 18.56 12.57
N TYR B 36 -7.16 19.34 12.04
CA TYR B 36 -6.81 20.64 11.49
C TYR B 36 -6.77 21.61 12.65
N ASP B 37 -5.57 21.86 13.16
CA ASP B 37 -5.38 22.56 14.43
C ASP B 37 -4.48 23.80 14.31
N PRO B 38 -5.00 24.90 13.73
CA PRO B 38 -4.22 26.13 13.56
C PRO B 38 -3.77 26.79 14.87
N LEU B 39 -4.60 26.72 15.92
CA LEU B 39 -4.23 27.32 17.21
C LEU B 39 -3.25 26.46 18.01
N GLN B 40 -2.91 25.30 17.45
CA GLN B 40 -1.96 24.36 18.07
C GLN B 40 -2.31 24.01 19.52
N ASP B 41 -3.59 24.06 19.85
CA ASP B 41 -4.09 23.79 21.21
C ASP B 41 -5.10 22.66 21.26
N ASN B 42 -5.10 21.82 20.22
CA ASN B 42 -5.95 20.63 20.12
C ASN B 42 -7.46 20.84 20.27
N THR B 43 -7.95 21.97 19.79
CA THR B 43 -9.39 22.27 19.76
C THR B 43 -9.96 22.10 18.35
N GLY B 44 -9.07 22.17 17.35
CA GLY B 44 -9.46 22.05 15.94
C GLY B 44 -10.12 20.72 15.63
N GLU B 45 -11.00 20.72 14.63
CA GLU B 45 -11.80 19.53 14.34
C GLU B 45 -11.03 18.46 13.58
N VAL B 46 -11.34 17.20 13.88
CA VAL B 46 -10.80 16.05 13.14
C VAL B 46 -11.41 16.02 11.74
N VAL B 47 -10.59 15.69 10.74
CA VAL B 47 -11.03 15.60 9.35
C VAL B 47 -10.42 14.36 8.72
N ALA B 48 -11.06 13.88 7.66
CA ALA B 48 -10.46 12.84 6.82
C ALA B 48 -9.72 13.52 5.67
N VAL B 49 -8.52 13.02 5.38
CA VAL B 49 -7.64 13.60 4.36
C VAL B 49 -7.24 12.53 3.36
N LYS B 50 -7.61 12.72 2.11
CA LYS B 50 -7.31 11.74 1.07
C LYS B 50 -6.19 12.26 0.17
N LYS B 51 -5.27 11.37 -0.19
CA LYS B 51 -4.18 11.74 -1.09
C LYS B 51 -3.84 10.59 -2.04
N LEU B 52 -3.12 10.90 -3.10
CA LEU B 52 -2.62 9.89 -4.02
C LEU B 52 -1.27 9.31 -3.61
N GLN B 53 -1.08 8.05 -3.93
CA GLN B 53 0.12 7.31 -3.61
C GLN B 53 0.89 7.03 -4.90
N HIS B 54 0.24 7.31 -6.04
CA HIS B 54 0.79 7.08 -7.37
C HIS B 54 0.34 8.18 -8.29
N SER B 55 1.03 9.31 -8.20
CA SER B 55 0.61 10.57 -8.80
C SER B 55 0.92 10.68 -10.28
N THR B 56 0.47 9.66 -11.02
CA THR B 56 0.43 9.65 -12.48
C THR B 56 -0.42 10.82 -12.98
N GLU B 57 -0.18 11.24 -14.21
CA GLU B 57 -0.96 12.32 -14.82
C GLU B 57 -2.43 11.95 -14.97
N GLU B 58 -2.69 10.67 -15.26
CA GLU B 58 -4.05 10.14 -15.36
C GLU B 58 -4.73 10.12 -13.98
N HIS B 59 -4.02 9.62 -12.98
CA HIS B 59 -4.54 9.57 -11.60
C HIS B 59 -4.86 10.94 -11.06
N LEU B 60 -3.99 11.91 -11.36
CA LEU B 60 -4.21 13.30 -10.95
C LEU B 60 -5.43 13.91 -11.62
N ARG B 61 -5.59 13.65 -12.92
CA ARG B 61 -6.77 14.11 -13.66
C ARG B 61 -8.05 13.57 -13.02
N ASP B 62 -8.07 12.27 -12.77
CA ASP B 62 -9.18 11.58 -12.09
C ASP B 62 -9.50 12.15 -10.71
N PHE B 63 -8.45 12.42 -9.93
CA PHE B 63 -8.57 12.95 -8.57
C PHE B 63 -9.14 14.38 -8.51
N GLU B 64 -8.74 15.24 -9.46
CA GLU B 64 -9.33 16.56 -9.54
C GLU B 64 -10.81 16.52 -9.92
N ARG B 65 -11.20 15.53 -10.72
CA ARG B 65 -12.61 15.31 -11.03
C ARG B 65 -13.38 14.79 -9.82
N GLU B 66 -12.83 13.78 -9.14
CA GLU B 66 -13.39 13.27 -7.89
C GLU B 66 -13.67 14.39 -6.86
N ILE B 67 -12.73 15.32 -6.74
CA ILE B 67 -12.87 16.48 -5.86
C ILE B 67 -14.07 17.31 -6.27
N GLU B 68 -14.18 17.56 -7.57
CA GLU B 68 -15.29 18.34 -8.12
C GLU B 68 -16.59 17.56 -8.00
N ILE B 69 -16.52 16.24 -8.18
CA ILE B 69 -17.70 15.38 -7.97
C ILE B 69 -18.21 15.56 -6.53
N LEU B 70 -17.33 15.33 -5.56
CA LEU B 70 -17.74 15.40 -4.17
C LEU B 70 -18.22 16.79 -3.75
N LYS B 71 -17.56 17.81 -4.28
CA LYS B 71 -17.94 19.20 -4.03
C LYS B 71 -19.37 19.48 -4.50
N SER B 72 -19.80 18.83 -5.58
CA SER B 72 -21.14 19.05 -6.12
C SER B 72 -22.26 18.32 -5.36
N LEU B 73 -21.90 17.41 -4.45
CA LEU B 73 -22.89 16.60 -3.74
C LEU B 73 -23.20 17.14 -2.35
N GLN B 74 -24.49 17.27 -2.05
CA GLN B 74 -24.96 17.68 -0.73
C GLN B 74 -26.13 16.77 -0.35
N HIS B 75 -25.85 15.80 0.51
CA HIS B 75 -26.86 14.82 0.92
C HIS B 75 -26.45 14.21 2.23
N ASP B 76 -27.43 13.85 3.04
CA ASP B 76 -27.19 13.34 4.39
C ASP B 76 -26.45 12.00 4.40
N ASN B 77 -26.54 11.27 3.31
CA ASN B 77 -25.98 9.94 3.20
C ASN B 77 -24.80 9.91 2.22
N ILE B 78 -24.23 11.08 1.99
CA ILE B 78 -23.00 11.23 1.25
C ILE B 78 -22.01 12.00 2.13
N VAL B 79 -20.82 11.43 2.31
CA VAL B 79 -19.77 12.05 3.12
C VAL B 79 -19.50 13.48 2.64
N LYS B 80 -19.35 14.41 3.58
CA LYS B 80 -19.24 15.84 3.27
C LYS B 80 -17.86 16.25 2.78
N TYR B 81 -17.85 16.97 1.66
CA TYR B 81 -16.69 17.73 1.20
C TYR B 81 -16.39 18.87 2.17
N LYS B 82 -15.14 18.99 2.60
CA LYS B 82 -14.72 20.13 3.42
C LYS B 82 -13.80 21.10 2.66
N GLY B 83 -12.85 20.55 1.90
CA GLY B 83 -12.00 21.37 1.05
C GLY B 83 -10.79 20.66 0.47
N VAL B 84 -9.81 21.44 0.07
CA VAL B 84 -8.57 20.93 -0.54
C VAL B 84 -7.29 21.47 0.12
N CYS B 85 -6.19 20.76 -0.11
CA CYS B 85 -4.89 21.18 0.39
C CYS B 85 -3.83 21.06 -0.71
N TYR B 86 -3.12 22.17 -0.95
CA TYR B 86 -2.05 22.26 -1.94
C TYR B 86 -0.70 22.54 -1.25
N SER B 87 0.40 22.32 -1.96
CA SER B 87 1.73 22.73 -1.49
C SER B 87 2.44 23.59 -2.52
N ASN B 92 0.97 19.07 -4.11
CA ASN B 92 0.59 17.67 -3.91
C ASN B 92 -0.81 17.57 -3.29
N LEU B 93 -1.78 17.55 -4.19
CA LEU B 93 -3.18 17.76 -3.90
C LEU B 93 -3.79 16.80 -2.88
N LYS B 94 -4.54 17.36 -1.93
CA LYS B 94 -5.26 16.56 -0.94
C LYS B 94 -6.72 16.99 -0.82
N LEU B 95 -7.60 16.00 -0.68
CA LEU B 95 -9.03 16.24 -0.53
C LEU B 95 -9.39 16.11 0.94
N ILE B 96 -9.96 17.19 1.48
CA ILE B 96 -10.36 17.24 2.88
C ILE B 96 -11.87 16.97 2.98
N MET B 97 -12.22 15.97 3.78
CA MET B 97 -13.61 15.54 3.99
C MET B 97 -13.91 15.50 5.49
N GLU B 98 -15.18 15.35 5.85
CA GLU B 98 -15.56 15.15 7.27
C GLU B 98 -15.05 13.81 7.77
N TYR B 99 -14.79 13.73 9.07
CA TYR B 99 -14.39 12.47 9.68
C TYR B 99 -15.61 11.79 10.30
N LEU B 100 -15.87 10.54 9.86
CA LEU B 100 -16.94 9.74 10.41
C LEU B 100 -16.36 8.67 11.34
N PRO B 101 -16.69 8.74 12.65
CA PRO B 101 -15.89 8.08 13.68
C PRO B 101 -16.06 6.58 13.79
N TYR B 102 -17.10 6.01 13.19
CA TYR B 102 -17.34 4.58 13.37
C TYR B 102 -16.84 3.68 12.24
N GLY B 103 -16.16 4.28 11.27
CA GLY B 103 -15.51 3.52 10.20
C GLY B 103 -16.49 2.90 9.21
N SER B 104 -16.01 1.86 8.51
CA SER B 104 -16.79 1.22 7.46
C SER B 104 -17.94 0.39 8.00
N LEU B 105 -19.04 0.37 7.24
CA LEU B 105 -20.19 -0.43 7.61
C LEU B 105 -19.80 -1.90 7.73
N ARG B 106 -18.86 -2.32 6.89
CA ARG B 106 -18.32 -3.67 6.92
C ARG B 106 -17.77 -4.05 8.30
N ASP B 107 -16.87 -3.23 8.85
CA ASP B 107 -16.30 -3.49 10.18
C ASP B 107 -17.36 -3.39 11.27
N TYR B 108 -18.25 -2.40 11.11
CA TYR B 108 -19.28 -2.07 12.09
C TYR B 108 -20.33 -3.17 12.21
N LEU B 109 -20.81 -3.67 11.08
CA LEU B 109 -21.80 -4.74 11.08
C LEU B 109 -21.25 -5.99 11.77
N GLN B 110 -19.95 -6.24 11.57
CA GLN B 110 -19.25 -7.37 12.17
C GLN B 110 -19.14 -7.22 13.69
N LYS B 111 -18.77 -6.02 14.14
CA LYS B 111 -18.65 -5.70 15.57
C LYS B 111 -20.00 -5.69 16.31
N HIS B 112 -21.07 -5.30 15.62
CA HIS B 112 -22.33 -5.08 16.29
C HIS B 112 -23.46 -6.01 15.91
N LYS B 113 -23.13 -7.10 15.21
CA LYS B 113 -24.12 -8.08 14.73
C LYS B 113 -25.23 -8.49 15.72
N GLU B 114 -24.87 -8.69 16.99
CA GLU B 114 -25.85 -9.12 18.01
C GLU B 114 -26.85 -8.01 18.34
N ARG B 115 -26.46 -6.79 18.02
CA ARG B 115 -27.22 -5.60 18.34
C ARG B 115 -28.07 -5.14 17.15
N ILE B 116 -27.63 -5.47 15.93
CA ILE B 116 -28.27 -5.02 14.70
C ILE B 116 -29.22 -6.08 14.17
N ASP B 117 -30.51 -5.79 14.20
CA ASP B 117 -31.52 -6.70 13.65
C ASP B 117 -31.91 -6.31 12.21
N HIS B 118 -32.84 -7.06 11.61
CA HIS B 118 -33.19 -6.84 10.19
C HIS B 118 -33.78 -5.48 9.94
N ILE B 119 -34.59 -4.97 10.87
CA ILE B 119 -35.17 -3.63 10.73
C ILE B 119 -34.06 -2.56 10.66
N LYS B 120 -33.05 -2.68 11.53
CA LYS B 120 -31.87 -1.82 11.48
C LYS B 120 -31.14 -1.91 10.16
N LEU B 121 -30.89 -3.14 9.69
CA LEU B 121 -30.30 -3.36 8.36
C LEU B 121 -31.06 -2.59 7.27
N LEU B 122 -32.40 -2.64 7.33
CA LEU B 122 -33.22 -1.92 6.34
C LEU B 122 -33.19 -0.40 6.49
N GLN B 123 -33.01 0.07 7.72
CA GLN B 123 -32.81 1.50 7.97
C GLN B 123 -31.55 2.00 7.24
N TYR B 124 -30.47 1.23 7.34
CA TYR B 124 -29.23 1.51 6.60
C TYR B 124 -29.44 1.37 5.09
N THR B 125 -30.09 0.29 4.69
CA THR B 125 -30.37 0.00 3.28
C THR B 125 -31.07 1.19 2.61
N SER B 126 -32.08 1.71 3.30
CA SER B 126 -32.87 2.84 2.84
C SER B 126 -32.01 4.11 2.59
N GLN B 127 -31.14 4.41 3.54
CA GLN B 127 -30.22 5.54 3.44
C GLN B 127 -29.26 5.39 2.25
N ILE B 128 -28.71 4.19 2.09
CA ILE B 128 -27.85 3.88 0.95
C ILE B 128 -28.62 4.14 -0.36
N CYS B 129 -29.83 3.60 -0.45
CA CYS B 129 -30.69 3.80 -1.62
C CYS B 129 -30.94 5.28 -1.93
N LYS B 130 -31.20 6.07 -0.89
CA LYS B 130 -31.50 7.49 -1.07
C LYS B 130 -30.28 8.27 -1.53
N GLY B 131 -29.13 7.99 -0.92
CA GLY B 131 -27.85 8.54 -1.37
C GLY B 131 -27.58 8.16 -2.81
N MET B 132 -27.82 6.90 -3.16
CA MET B 132 -27.63 6.42 -4.54
C MET B 132 -28.61 7.04 -5.54
N GLU B 133 -29.86 7.24 -5.10
CA GLU B 133 -30.86 7.94 -5.91
C GLU B 133 -30.42 9.37 -6.22
N TYR B 134 -29.89 10.05 -5.21
CA TYR B 134 -29.39 11.41 -5.37
C TYR B 134 -28.20 11.49 -6.33
N LEU B 135 -27.36 10.47 -6.31
CA LEU B 135 -26.26 10.33 -7.28
C LEU B 135 -26.75 10.30 -8.72
N GLY B 136 -27.79 9.51 -8.97
CA GLY B 136 -28.34 9.34 -10.33
C GLY B 136 -28.96 10.62 -10.84
N THR B 137 -29.46 11.42 -9.90
CA THR B 137 -29.98 12.77 -10.11
C THR B 137 -28.97 13.67 -10.82
N LYS B 138 -27.68 13.43 -10.57
CA LYS B 138 -26.60 14.24 -11.12
C LYS B 138 -25.88 13.53 -12.26
N ARG B 139 -26.41 12.38 -12.65
CA ARG B 139 -25.83 11.53 -13.69
C ARG B 139 -24.41 11.05 -13.32
N TYR B 140 -24.23 10.79 -12.02
CA TYR B 140 -22.99 10.21 -11.50
C TYR B 140 -23.16 8.71 -11.31
N ILE B 141 -22.15 7.95 -11.71
CA ILE B 141 -22.15 6.48 -11.60
C ILE B 141 -21.04 6.11 -10.65
N HIS B 142 -21.37 5.36 -9.60
CA HIS B 142 -20.45 5.10 -8.51
C HIS B 142 -19.48 3.99 -8.81
N ARG B 143 -20.00 2.88 -9.33
CA ARG B 143 -19.19 1.74 -9.83
C ARG B 143 -18.57 0.84 -8.74
N ASP B 144 -18.40 1.38 -7.54
CA ASP B 144 -17.52 0.82 -6.53
C ASP B 144 -18.22 0.46 -5.22
N LEU B 145 -19.55 0.61 -5.18
CA LEU B 145 -20.32 0.49 -3.95
C LEU B 145 -20.14 -0.88 -3.27
N ALA B 146 -19.79 -0.83 -1.99
CA ALA B 146 -19.58 -2.02 -1.17
C ALA B 146 -19.66 -1.57 0.28
N THR B 147 -19.88 -2.51 1.20
CA THR B 147 -19.90 -2.15 2.63
C THR B 147 -18.59 -1.54 3.14
N ARG B 148 -17.46 -1.83 2.48
CA ARG B 148 -16.16 -1.27 2.87
C ARG B 148 -16.03 0.24 2.66
N ASN B 149 -16.71 0.79 1.67
CA ASN B 149 -16.68 2.24 1.42
C ASN B 149 -17.95 2.96 1.84
N ILE B 150 -18.84 2.24 2.51
CA ILE B 150 -19.97 2.86 3.20
C ILE B 150 -19.56 3.04 4.66
N LEU B 151 -19.80 4.24 5.16
CA LEU B 151 -19.21 4.66 6.43
C LEU B 151 -20.29 4.96 7.44
N VAL B 152 -19.99 4.73 8.71
CA VAL B 152 -20.97 4.85 9.78
C VAL B 152 -20.75 6.14 10.57
N GLU B 153 -21.71 7.05 10.52
CA GLU B 153 -21.63 8.26 11.36
C GLU B 153 -22.04 7.97 12.80
N ASN B 154 -23.10 7.17 12.95
CA ASN B 154 -23.53 6.69 14.26
C ASN B 154 -24.46 5.51 14.08
N GLU B 155 -24.97 5.01 15.19
CA GLU B 155 -25.92 3.90 15.23
C GLU B 155 -27.04 4.00 14.17
N ASN B 156 -27.41 5.23 13.82
CA ASN B 156 -28.59 5.51 13.01
C ASN B 156 -28.34 6.12 11.61
N ARG B 157 -27.07 6.34 11.25
CA ARG B 157 -26.76 6.99 9.97
C ARG B 157 -25.48 6.50 9.30
N VAL B 158 -25.61 6.04 8.06
CA VAL B 158 -24.47 5.66 7.24
C VAL B 158 -24.33 6.62 6.06
N LYS B 159 -23.14 6.67 5.46
CA LYS B 159 -22.90 7.54 4.31
C LYS B 159 -22.03 6.84 3.28
N ILE B 160 -22.36 7.04 2.01
CA ILE B 160 -21.47 6.63 0.93
C ILE B 160 -20.20 7.46 1.12
N GLY B 161 -19.06 6.79 1.21
CA GLY B 161 -17.86 7.40 1.79
C GLY B 161 -16.63 7.62 0.92
N ASP B 162 -16.66 7.12 -0.31
CA ASP B 162 -15.55 7.33 -1.23
C ASP B 162 -16.06 7.41 -2.65
N PHE B 163 -15.51 8.35 -3.41
CA PHE B 163 -15.93 8.55 -4.79
C PHE B 163 -14.78 8.46 -5.78
N GLY B 164 -13.82 7.59 -5.46
CA GLY B 164 -12.61 7.41 -6.27
C GLY B 164 -12.84 6.92 -7.70
N LEU B 165 -13.85 6.09 -7.89
CA LEU B 165 -14.11 5.49 -9.20
C LEU B 165 -15.34 6.08 -9.90
N THR B 166 -15.91 7.13 -9.30
CA THR B 166 -17.17 7.72 -9.75
C THR B 166 -17.01 8.45 -11.08
N LYS B 167 -17.91 8.13 -12.01
CA LYS B 167 -17.92 8.72 -13.35
C LYS B 167 -19.15 9.58 -13.57
N VAL B 168 -19.00 10.61 -14.40
CA VAL B 168 -20.13 11.39 -14.91
C VAL B 168 -20.50 10.81 -16.27
N LEU B 169 -21.78 10.49 -16.46
CA LEU B 169 -22.25 10.01 -17.76
C LEU B 169 -22.03 11.06 -18.85
N PRO B 170 -21.71 10.61 -20.07
CA PRO B 170 -21.73 11.55 -21.21
C PRO B 170 -23.16 12.03 -21.42
N GLN B 171 -23.32 13.28 -21.88
CA GLN B 171 -24.64 13.91 -22.10
C GLN B 171 -25.56 13.12 -23.02
N ASP B 172 -24.96 12.43 -23.99
CA ASP B 172 -25.71 11.73 -25.05
C ASP B 172 -25.99 10.26 -24.75
N LYS B 173 -25.52 9.75 -23.62
CA LYS B 173 -25.57 8.30 -23.34
C LYS B 173 -25.98 7.96 -21.90
N GLU B 174 -26.48 6.74 -21.71
CA GLU B 174 -26.88 6.25 -20.39
C GLU B 174 -25.86 5.28 -19.78
N PTR B 175 -24.75 5.08 -20.48
CA PTR B 175 -23.65 4.28 -19.92
C PTR B 175 -22.33 4.93 -20.22
O PTR B 175 -22.25 5.83 -21.04
CB PTR B 175 -23.67 2.80 -20.34
CG PTR B 175 -23.55 2.65 -21.84
CD1 PTR B 175 -24.67 2.51 -22.65
CD2 PTR B 175 -22.27 2.65 -22.42
CE1 PTR B 175 -24.52 2.40 -24.04
CE2 PTR B 175 -22.13 2.52 -23.79
CZ PTR B 175 -23.25 2.39 -24.61
OH PTR B 175 -23.07 2.28 -25.97
P PTR B 175 -23.58 1.02 -26.84
O1P PTR B 175 -25.07 1.25 -26.97
O2P PTR B 175 -22.81 1.18 -28.13
O3P PTR B 175 -23.20 -0.20 -26.03
N PTR B 176 -21.29 4.46 -19.51
CA PTR B 176 -19.92 4.92 -19.71
C PTR B 176 -19.09 3.68 -19.84
O PTR B 176 -19.14 2.79 -18.97
CB PTR B 176 -19.50 5.64 -18.43
CG PTR B 176 -18.33 6.60 -18.61
CD1 PTR B 176 -17.03 6.17 -18.86
CD2 PTR B 176 -18.58 7.96 -18.47
CE1 PTR B 176 -15.99 7.09 -19.00
CE2 PTR B 176 -17.55 8.88 -18.62
CZ PTR B 176 -16.25 8.46 -18.88
OH PTR B 176 -15.30 9.45 -19.00
P PTR B 176 -13.71 9.23 -19.27
O1P PTR B 176 -13.22 8.40 -18.10
O2P PTR B 176 -13.69 8.51 -20.61
O3P PTR B 176 -13.17 10.63 -19.31
N LYS B 177 -18.32 3.58 -20.92
CA LYS B 177 -17.29 2.55 -21.02
C LYS B 177 -16.01 3.03 -20.36
N VAL B 178 -15.59 2.34 -19.31
CA VAL B 178 -14.44 2.76 -18.53
C VAL B 178 -13.17 2.02 -18.96
N LYS B 179 -12.08 2.76 -19.15
CA LYS B 179 -10.78 2.18 -19.50
C LYS B 179 -10.13 1.49 -18.29
N GLU B 180 -10.49 1.95 -17.08
CA GLU B 180 -10.16 1.29 -15.81
C GLU B 180 -8.72 1.53 -15.37
N PRO B 181 -8.54 2.36 -14.32
CA PRO B 181 -7.24 2.52 -13.68
C PRO B 181 -7.06 1.53 -12.52
N GLY B 182 -6.16 0.56 -12.72
CA GLY B 182 -5.86 -0.44 -11.70
C GLY B 182 -6.94 -1.48 -11.46
N GLU B 183 -7.19 -1.77 -10.20
CA GLU B 183 -7.98 -2.95 -9.80
C GLU B 183 -9.49 -2.76 -9.89
N SER B 184 -10.17 -3.87 -10.14
CA SER B 184 -11.61 -3.92 -10.28
C SER B 184 -12.22 -4.91 -9.29
N PRO B 185 -13.22 -4.47 -8.51
CA PRO B 185 -13.94 -5.38 -7.62
C PRO B 185 -14.99 -6.20 -8.40
N ILE B 186 -14.51 -7.22 -9.12
CA ILE B 186 -15.33 -7.96 -10.08
C ILE B 186 -16.54 -8.67 -9.50
N PHE B 187 -16.49 -9.05 -8.22
CA PHE B 187 -17.58 -9.81 -7.63
C PHE B 187 -18.73 -8.90 -7.18
N TRP B 188 -18.59 -7.61 -7.46
CA TRP B 188 -19.66 -6.63 -7.24
C TRP B 188 -20.20 -6.11 -8.56
N TYR B 189 -19.63 -6.59 -9.65
CA TYR B 189 -19.81 -6.02 -10.98
C TYR B 189 -20.94 -6.66 -11.78
N ALA B 190 -21.71 -5.84 -12.47
CA ALA B 190 -22.72 -6.34 -13.41
C ALA B 190 -22.07 -7.13 -14.55
N PRO B 191 -22.82 -8.05 -15.19
CA PRO B 191 -22.29 -8.84 -16.30
C PRO B 191 -21.78 -7.95 -17.45
N GLU B 192 -22.57 -6.97 -17.85
CA GLU B 192 -22.19 -6.03 -18.92
C GLU B 192 -20.94 -5.20 -18.56
N SER B 193 -20.69 -5.02 -17.27
CA SER B 193 -19.45 -4.40 -16.80
C SER B 193 -18.25 -5.33 -16.98
N LEU B 194 -18.45 -6.62 -16.77
CA LEU B 194 -17.40 -7.61 -16.95
C LEU B 194 -17.07 -7.88 -18.42
N THR B 195 -18.09 -7.93 -19.27
CA THR B 195 -17.90 -8.23 -20.69
C THR B 195 -17.57 -7.00 -21.55
N GLU B 196 -18.13 -5.85 -21.20
CA GLU B 196 -18.01 -4.67 -22.06
C GLU B 196 -17.49 -3.44 -21.32
N SER B 197 -17.28 -3.56 -20.01
CA SER B 197 -16.84 -2.45 -19.17
C SER B 197 -17.84 -1.28 -19.22
N LYS B 198 -19.12 -1.64 -19.38
CA LYS B 198 -20.21 -0.66 -19.42
C LYS B 198 -20.73 -0.41 -18.02
N PHE B 199 -20.71 0.86 -17.62
CA PHE B 199 -21.14 1.25 -16.29
C PHE B 199 -22.27 2.26 -16.38
N SER B 200 -23.28 2.07 -15.52
CA SER B 200 -24.52 2.82 -15.60
C SER B 200 -25.21 2.82 -14.26
N VAL B 201 -26.31 3.56 -14.16
CA VAL B 201 -27.18 3.52 -12.98
C VAL B 201 -27.54 2.08 -12.67
N ALA B 202 -27.78 1.32 -13.74
CA ALA B 202 -28.26 -0.05 -13.64
C ALA B 202 -27.19 -1.04 -13.14
N SER B 203 -25.93 -0.80 -13.48
CA SER B 203 -24.84 -1.59 -12.89
C SER B 203 -24.63 -1.19 -11.42
N ASP B 204 -24.94 0.07 -11.08
CA ASP B 204 -24.90 0.52 -9.67
C ASP B 204 -25.98 -0.18 -8.85
N VAL B 205 -27.13 -0.41 -9.49
CA VAL B 205 -28.23 -1.17 -8.87
C VAL B 205 -27.82 -2.62 -8.62
N TRP B 206 -27.14 -3.22 -9.60
CA TRP B 206 -26.59 -4.57 -9.43
C TRP B 206 -25.64 -4.63 -8.25
N SER B 207 -24.70 -3.70 -8.20
CA SER B 207 -23.74 -3.60 -7.09
C SER B 207 -24.47 -3.41 -5.75
N PHE B 208 -25.46 -2.53 -5.74
CA PHE B 208 -26.34 -2.38 -4.58
C PHE B 208 -26.90 -3.70 -4.04
N GLY B 209 -27.32 -4.58 -4.94
CA GLY B 209 -27.86 -5.89 -4.55
C GLY B 209 -26.82 -6.72 -3.81
N VAL B 210 -25.57 -6.59 -4.24
CA VAL B 210 -24.45 -7.29 -3.59
C VAL B 210 -24.21 -6.68 -2.21
N VAL B 211 -24.33 -5.35 -2.12
CA VAL B 211 -24.27 -4.63 -0.86
C VAL B 211 -25.35 -5.12 0.11
N LEU B 212 -26.58 -5.23 -0.38
CA LEU B 212 -27.70 -5.68 0.44
C LEU B 212 -27.45 -7.13 0.86
N TYR B 213 -26.89 -7.92 -0.04
CA TYR B 213 -26.42 -9.27 0.29
C TYR B 213 -25.39 -9.25 1.43
N GLU B 214 -24.38 -8.39 1.31
CA GLU B 214 -23.34 -8.26 2.34
C GLU B 214 -23.95 -7.98 3.70
N LEU B 215 -24.82 -6.98 3.76
CA LEU B 215 -25.50 -6.63 5.00
C LEU B 215 -26.12 -7.85 5.67
N PHE B 216 -26.89 -8.62 4.93
CA PHE B 216 -27.63 -9.73 5.53
C PHE B 216 -26.78 -10.97 5.86
N THR B 217 -25.54 -11.01 5.38
CA THR B 217 -24.56 -12.03 5.80
C THR B 217 -23.86 -11.62 7.09
N TYR B 218 -24.03 -10.37 7.50
CA TYR B 218 -23.35 -9.80 8.67
C TYR B 218 -21.84 -9.94 8.58
N ILE B 219 -21.34 -9.99 7.34
CA ILE B 219 -19.91 -10.12 7.02
C ILE B 219 -19.25 -11.34 7.70
N GLU B 220 -20.01 -12.44 7.78
CA GLU B 220 -19.46 -13.71 8.23
C GLU B 220 -18.42 -14.14 7.18
N LYS B 221 -17.15 -14.11 7.56
CA LYS B 221 -16.01 -14.14 6.61
C LYS B 221 -16.09 -15.18 5.48
N SER B 222 -16.72 -16.31 5.76
CA SER B 222 -16.94 -17.37 4.78
C SER B 222 -18.01 -17.05 3.71
N LYS B 223 -18.84 -16.04 3.97
CA LYS B 223 -20.01 -15.73 3.12
C LYS B 223 -19.82 -14.52 2.20
N SER B 224 -18.61 -13.97 2.16
CA SER B 224 -18.30 -12.84 1.28
C SER B 224 -18.51 -13.21 -0.19
N PRO B 225 -18.91 -12.24 -1.02
CA PRO B 225 -19.11 -12.52 -2.46
C PRO B 225 -17.88 -13.15 -3.15
N PRO B 226 -16.65 -12.67 -2.89
CA PRO B 226 -15.51 -13.42 -3.43
C PRO B 226 -15.51 -14.89 -3.02
N ALA B 227 -15.74 -15.18 -1.73
CA ALA B 227 -15.69 -16.56 -1.24
C ALA B 227 -16.78 -17.43 -1.87
N GLU B 228 -17.99 -16.89 -1.99
CA GLU B 228 -19.11 -17.64 -2.54
C GLU B 228 -18.99 -17.86 -4.06
N PHE B 229 -18.55 -16.84 -4.80
CA PHE B 229 -18.34 -16.97 -6.24
C PHE B 229 -17.15 -17.86 -6.57
N MET B 230 -16.07 -17.73 -5.82
CA MET B 230 -14.89 -18.57 -5.99
C MET B 230 -15.17 -20.05 -5.72
N ARG B 231 -16.05 -20.33 -4.76
CA ARG B 231 -16.51 -21.70 -4.52
C ARG B 231 -17.39 -22.21 -5.67
N MET B 232 -18.21 -21.32 -6.21
CA MET B 232 -19.12 -21.68 -7.31
C MET B 232 -18.34 -21.95 -8.60
N ILE B 233 -17.37 -21.09 -8.88
CA ILE B 233 -16.53 -21.19 -10.06
C ILE B 233 -15.51 -22.34 -9.89
N GLY B 234 -14.85 -22.39 -8.74
CA GLY B 234 -13.79 -23.35 -8.44
C GLY B 234 -12.55 -22.64 -7.94
N ASN B 235 -11.96 -23.14 -6.85
CA ASN B 235 -10.78 -22.51 -6.23
C ASN B 235 -9.48 -22.70 -7.02
N ASP B 236 -9.49 -23.60 -7.99
CA ASP B 236 -8.33 -23.91 -8.83
C ASP B 236 -8.07 -22.91 -9.96
N LYS B 237 -9.12 -22.21 -10.39
CA LYS B 237 -9.10 -21.43 -11.62
C LYS B 237 -8.10 -20.25 -11.61
N GLN B 238 -7.34 -20.16 -12.70
CA GLN B 238 -6.25 -19.18 -12.84
C GLN B 238 -6.76 -17.74 -12.88
N GLY B 239 -5.91 -16.81 -12.45
CA GLY B 239 -6.21 -15.37 -12.41
C GLY B 239 -7.15 -14.79 -13.46
N GLN B 240 -6.70 -14.76 -14.71
CA GLN B 240 -7.48 -14.13 -15.79
C GLN B 240 -8.67 -14.98 -16.24
N MET B 241 -8.63 -16.26 -15.91
CA MET B 241 -9.73 -17.19 -16.18
C MET B 241 -10.92 -17.01 -15.21
N ILE B 242 -10.65 -16.39 -14.06
CA ILE B 242 -11.67 -16.13 -13.04
C ILE B 242 -12.82 -15.34 -13.67
N VAL B 243 -12.51 -14.23 -14.32
CA VAL B 243 -13.49 -13.38 -14.98
C VAL B 243 -14.35 -14.18 -15.97
N PHE B 244 -13.69 -14.92 -16.86
CA PHE B 244 -14.39 -15.72 -17.86
C PHE B 244 -15.38 -16.71 -17.25
N HIS B 245 -14.93 -17.45 -16.23
CA HIS B 245 -15.83 -18.36 -15.52
C HIS B 245 -16.94 -17.66 -14.78
N LEU B 246 -16.65 -16.46 -14.27
CA LEU B 246 -17.65 -15.63 -13.60
C LEU B 246 -18.74 -15.20 -14.59
N ILE B 247 -18.30 -14.71 -15.75
CA ILE B 247 -19.18 -14.31 -16.83
C ILE B 247 -20.14 -15.46 -17.19
N GLU B 248 -19.59 -16.66 -17.34
CA GLU B 248 -20.41 -17.80 -17.73
C GLU B 248 -21.40 -18.20 -16.65
N LEU B 249 -20.95 -18.11 -15.40
CA LEU B 249 -21.80 -18.38 -14.24
C LEU B 249 -23.00 -17.43 -14.22
N LEU B 250 -22.74 -16.13 -14.30
CA LEU B 250 -23.81 -15.13 -14.27
C LEU B 250 -24.74 -15.24 -15.47
N LYS B 251 -24.19 -15.65 -16.61
CA LYS B 251 -24.98 -15.81 -17.84
C LYS B 251 -25.99 -16.97 -17.72
N ASN B 252 -25.63 -17.99 -16.95
CA ASN B 252 -26.50 -19.15 -16.72
C ASN B 252 -27.32 -19.01 -15.45
N ASN B 253 -27.55 -17.76 -15.04
CA ASN B 253 -28.32 -17.40 -13.85
C ASN B 253 -27.81 -17.99 -12.53
N GLY B 254 -26.50 -18.22 -12.48
CA GLY B 254 -25.82 -18.51 -11.23
C GLY B 254 -25.72 -17.24 -10.40
N ARG B 255 -26.14 -17.33 -9.15
CA ARG B 255 -26.26 -16.16 -8.28
C ARG B 255 -25.75 -16.46 -6.87
N LEU B 256 -25.57 -15.42 -6.07
CA LEU B 256 -25.25 -15.57 -4.65
C LEU B 256 -26.44 -16.16 -3.92
N PRO B 257 -26.19 -17.03 -2.92
CA PRO B 257 -27.28 -17.68 -2.21
C PRO B 257 -27.95 -16.75 -1.20
N ARG B 258 -29.15 -17.12 -0.78
CA ARG B 258 -29.86 -16.44 0.30
C ARG B 258 -29.03 -16.54 1.57
N PRO B 259 -28.64 -15.39 2.15
CA PRO B 259 -27.86 -15.47 3.38
C PRO B 259 -28.66 -16.15 4.49
N ASP B 260 -27.97 -16.78 5.45
CA ASP B 260 -28.62 -17.44 6.58
C ASP B 260 -29.52 -16.47 7.35
N GLY B 261 -30.80 -16.83 7.46
CA GLY B 261 -31.75 -16.05 8.25
C GLY B 261 -32.35 -14.85 7.55
N CYS B 262 -32.06 -14.70 6.26
CA CYS B 262 -32.58 -13.58 5.47
C CYS B 262 -34.01 -13.83 5.01
N PRO B 263 -34.93 -12.91 5.33
CA PRO B 263 -36.31 -13.06 4.87
C PRO B 263 -36.36 -13.12 3.35
N ASP B 264 -37.32 -13.87 2.82
CA ASP B 264 -37.37 -14.16 1.39
C ASP B 264 -37.71 -12.91 0.58
N GLU B 265 -38.52 -12.02 1.18
CA GLU B 265 -38.86 -10.76 0.54
C GLU B 265 -37.63 -9.85 0.37
N ILE B 266 -36.63 -10.01 1.24
CA ILE B 266 -35.39 -9.24 1.15
C ILE B 266 -34.45 -9.84 0.11
N TYR B 267 -34.36 -11.17 0.08
CA TYR B 267 -33.63 -11.88 -0.96
C TYR B 267 -34.21 -11.64 -2.35
N MET B 268 -35.53 -11.45 -2.42
CA MET B 268 -36.21 -11.11 -3.67
C MET B 268 -35.79 -9.76 -4.25
N ILE B 269 -35.48 -8.80 -3.37
CA ILE B 269 -34.95 -7.51 -3.80
C ILE B 269 -33.54 -7.69 -4.38
N MET B 270 -32.74 -8.52 -3.72
CA MET B 270 -31.40 -8.88 -4.20
C MET B 270 -31.43 -9.48 -5.61
N THR B 271 -32.24 -10.53 -5.82
CA THR B 271 -32.28 -11.24 -7.11
C THR B 271 -32.84 -10.38 -8.23
N GLU B 272 -33.75 -9.48 -7.88
CA GLU B 272 -34.31 -8.53 -8.84
C GLU B 272 -33.23 -7.55 -9.31
N CYS B 273 -32.41 -7.09 -8.37
CA CYS B 273 -31.27 -6.22 -8.72
C CYS B 273 -30.28 -6.92 -9.64
N TRP B 274 -30.20 -8.24 -9.53
CA TRP B 274 -29.29 -9.02 -10.34
C TRP B 274 -29.89 -9.61 -11.58
N ASN B 275 -30.75 -8.86 -12.26
CA ASN B 275 -31.23 -9.33 -13.56
C ASN B 275 -30.14 -9.14 -14.62
N ASN B 276 -30.01 -10.10 -15.53
CA ASN B 276 -29.04 -9.98 -16.62
C ASN B 276 -29.38 -8.81 -17.54
N ASN B 277 -30.66 -8.53 -17.67
CA ASN B 277 -31.10 -7.38 -18.44
C ASN B 277 -31.09 -6.09 -17.61
N VAL B 278 -30.25 -5.16 -18.03
CA VAL B 278 -30.15 -3.82 -17.46
C VAL B 278 -31.52 -3.17 -17.26
N ASN B 279 -32.45 -3.45 -18.16
CA ASN B 279 -33.77 -2.82 -18.10
C ASN B 279 -34.76 -3.42 -17.10
N GLN B 280 -34.52 -4.65 -16.66
CA GLN B 280 -35.36 -5.29 -15.63
C GLN B 280 -34.80 -5.19 -14.21
N ARG B 281 -33.84 -4.29 -14.00
CA ARG B 281 -33.36 -3.99 -12.66
C ARG B 281 -34.15 -2.81 -12.13
N PRO B 282 -34.55 -2.86 -10.85
CA PRO B 282 -35.35 -1.76 -10.31
C PRO B 282 -34.54 -0.47 -10.31
N SER B 283 -35.22 0.68 -10.22
CA SER B 283 -34.56 1.96 -10.00
C SER B 283 -34.30 2.14 -8.48
N PHE B 284 -33.45 3.08 -8.11
CA PHE B 284 -33.23 3.39 -6.69
C PHE B 284 -34.45 4.06 -6.06
N ARG B 285 -35.17 4.85 -6.86
CA ARG B 285 -36.52 5.32 -6.53
C ARG B 285 -37.39 4.15 -6.05
N ASP B 286 -37.55 3.13 -6.91
CA ASP B 286 -38.30 1.91 -6.60
C ASP B 286 -37.80 1.19 -5.37
N LEU B 287 -36.48 1.07 -5.24
CA LEU B 287 -35.87 0.32 -4.16
C LEU B 287 -36.11 0.96 -2.81
N ALA B 288 -36.01 2.29 -2.74
CA ALA B 288 -36.27 3.03 -1.50
C ALA B 288 -37.70 2.84 -1.01
N LEU B 289 -38.65 2.91 -1.95
CA LEU B 289 -40.07 2.76 -1.63
C LEU B 289 -40.36 1.37 -1.09
N ARG B 290 -39.77 0.36 -1.74
CA ARG B 290 -39.95 -1.04 -1.33
C ARG B 290 -39.39 -1.32 0.05
N VAL B 291 -38.17 -0.86 0.31
CA VAL B 291 -37.53 -1.03 1.62
C VAL B 291 -38.35 -0.35 2.71
N ASP B 292 -38.79 0.89 2.46
CA ASP B 292 -39.62 1.63 3.42
C ASP B 292 -40.92 0.89 3.68
N GLN B 293 -41.53 0.38 2.61
CA GLN B 293 -42.77 -0.38 2.70
C GLN B 293 -42.57 -1.62 3.56
N ILE B 294 -41.48 -2.35 3.33
CA ILE B 294 -41.16 -3.56 4.10
C ILE B 294 -40.87 -3.24 5.57
N ARG B 295 -40.23 -2.09 5.82
CA ARG B 295 -39.97 -1.60 7.18
C ARG B 295 -41.27 -1.30 7.94
N ASP B 296 -42.18 -0.60 7.28
CA ASP B 296 -43.47 -0.26 7.88
C ASP B 296 -44.24 -1.51 8.32
N ASN B 297 -44.20 -2.54 7.48
CA ASN B 297 -44.87 -3.81 7.77
C ASN B 297 -44.24 -4.58 8.92
N MET B 298 -42.91 -4.64 8.92
CA MET B 298 -42.15 -5.24 10.02
C MET B 298 -42.46 -4.56 11.35
N ALA B 299 -42.54 -3.22 11.34
CA ALA B 299 -42.83 -2.43 12.54
C ALA B 299 -44.30 -2.44 12.89
N GLY B 300 -45.15 -2.70 11.89
CA GLY B 300 -46.59 -2.73 12.06
C GLY B 300 -47.06 -3.98 12.78
O2 1M3 C . 24.37 -7.47 3.18
S1 1M3 C . 25.54 -8.04 3.79
O1 1M3 C . 26.52 -7.11 4.28
N7 1M3 C . 24.95 -9.22 4.95
C23 1M3 C . 25.67 -9.76 6.08
C26 1M3 C . 25.65 -8.72 7.20
C25 1M3 C . 27.10 -10.10 5.70
C24 1M3 C . 24.94 -11.02 6.55
C21 1M3 C . 26.33 -9.01 2.54
C20 1M3 C . 27.73 -9.11 2.46
C19 1M3 C . 28.29 -9.87 1.42
C18 1M3 C . 27.45 -10.51 0.49
C22 1M3 C . 25.51 -9.65 1.63
C17 1M3 C . 26.06 -10.41 0.61
N1 1M3 C . 25.21 -10.99 -0.28
C1 1M3 C . 25.40 -11.62 -1.46
N3 1M3 C . 26.58 -11.40 -2.08
C4 1M3 C . 26.84 -12.00 -3.25
N2 1M3 C . 25.96 -12.83 -3.82
C3 1M3 C . 24.78 -13.07 -3.22
C2 1M3 C . 24.46 -12.47 -2.01
C5 1M3 C . 23.13 -12.75 -1.37
N4 1M3 C . 28.03 -11.78 -3.87
C6 1M3 C . 29.11 -11.01 -3.58
C11 1M3 C . 29.13 -10.25 -2.42
C10 1M3 C . 30.23 -9.49 -2.09
C9 1M3 C . 31.34 -9.45 -2.94
C8 1M3 C . 31.35 -10.22 -4.11
C7 1M3 C . 30.23 -10.99 -4.42
N5 1M3 C . 32.44 -8.67 -2.54
C15 1M3 C . 32.68 -8.40 -1.12
C14 1M3 C . 34.06 -8.77 -0.60
N6 1M3 C . 35.05 -8.07 -1.44
C16 1M3 C . 36.39 -8.36 -0.90
C13 1M3 C . 34.93 -8.57 -2.82
C12 1M3 C . 33.56 -8.24 -3.42
O2 1M3 D . -13.31 3.59 0.82
S1 1M3 D . -11.95 3.45 1.23
O1 1M3 D . -11.42 2.12 1.37
N7 1M3 D . -10.99 4.43 0.13
C23 1M3 D . -9.60 4.18 -0.21
C26 1M3 D . -9.53 2.93 -1.08
C25 1M3 D . -8.75 4.03 1.04
C24 1M3 D . -9.06 5.35 -1.02
C21 1M3 D . -11.83 4.30 2.80
C20 1M3 D . -10.93 3.88 3.79
C19 1M3 D . -10.78 4.64 4.94
C18 1M3 D . -11.55 5.80 5.11
C22 1M3 D . -12.61 5.44 2.98
C17 1M3 D . -12.46 6.20 4.13
N1 1M3 D . -13.25 7.31 4.31
C1 1M3 D . -13.52 8.01 5.44
N3 1M3 D . -13.35 7.39 6.63
C4 1M3 D . -13.61 8.05 7.77
N2 1M3 D . -14.04 9.32 7.79
C3 1M3 D . -14.23 9.95 6.63
C2 1M3 D . -13.99 9.32 5.41
C5 1M3 D . -14.21 10.05 4.10
N4 1M3 D . -13.42 7.43 8.97
C6 1M3 D . -13.00 6.20 9.34
C11 1M3 D . -12.65 5.25 8.39
C10 1M3 D . -12.22 3.98 8.77
C9 1M3 D . -12.13 3.68 10.13
C8 1M3 D . -12.46 4.63 11.09
C7 1M3 D . -12.90 5.90 10.70
N5 1M3 D . -11.67 2.39 10.50
C15 1M3 D . -10.84 1.57 9.60
C14 1M3 D . -9.47 1.27 10.20
N6 1M3 D . -9.72 0.51 11.43
C16 1M3 D . -8.45 -0.03 11.95
C13 1M3 D . -10.38 1.40 12.40
C12 1M3 D . -11.76 1.81 11.87
#